data_6CYV
#
_entry.id   6CYV
#
_cell.length_a   34.876
_cell.length_b   58.749
_cell.length_c   79.324
_cell.angle_alpha   90.000
_cell.angle_beta   90.000
_cell.angle_gamma   90.000
#
_symmetry.space_group_name_H-M   'P 21 21 21'
#
loop_
_entity.id
_entity.type
_entity.pdbx_description
1 polymer 'Dihydrofolate reductase'
2 non-polymer 'NADP NICOTINAMIDE-ADENINE-DINUCLEOTIDE PHOSPHATE'
3 non-polymer 'DIHYDROFOLIC ACID'
4 water water
#
_entity_poly.entity_id   1
_entity_poly.type   'polypeptide(L)'
_entity_poly.pdbx_seq_one_letter_code
;MISLIAALAVDRVIGMENAMPWNLPADLAWFKRNTLNKPVIMGRHTWESIGRPLPGRKNIILSSQPGTDDRVTWVKSVDE
AIAACGDVPEIMVIGGGRVYEQFLPKAQKLYLTHIDAEVEGDTHFPDYEPDDWESVFSEFHDADAQNSHSYCFEILERRH
HHHHH
;
_entity_poly.pdbx_strand_id   A
#
loop_
_chem_comp.id
_chem_comp.type
_chem_comp.name
_chem_comp.formula
DHF non-polymer 'DIHYDROFOLIC ACID' 'C19 H21 N7 O6'
NAP non-polymer 'NADP NICOTINAMIDE-ADENINE-DINUCLEOTIDE PHOSPHATE' 'C21 H28 N7 O17 P3'
#
# COMPACT_ATOMS: atom_id res chain seq x y z
N MET A 1 -12.30 4.38 -7.53
CA MET A 1 -11.36 3.36 -8.00
C MET A 1 -10.49 2.89 -6.83
N ILE A 2 -9.98 1.70 -6.96
CA ILE A 2 -9.13 1.08 -5.95
C ILE A 2 -7.69 1.11 -6.40
N SER A 3 -6.80 1.56 -5.51
CA SER A 3 -5.37 1.63 -5.76
C SER A 3 -4.65 0.88 -4.64
N LEU A 4 -3.51 0.25 -4.99
N LEU A 4 -3.52 0.26 -4.97
CA LEU A 4 -2.60 -0.33 -4.00
CA LEU A 4 -2.62 -0.33 -3.99
C LEU A 4 -1.38 0.56 -3.90
C LEU A 4 -1.37 0.53 -3.90
N ILE A 5 -0.83 0.70 -2.69
CA ILE A 5 0.40 1.43 -2.50
C ILE A 5 1.33 0.58 -1.63
N ALA A 6 2.57 0.39 -2.09
CA ALA A 6 3.51 -0.53 -1.44
C ALA A 6 4.93 -0.07 -1.67
N ALA A 7 5.78 -0.37 -0.71
CA ALA A 7 7.24 -0.25 -0.83
C ALA A 7 7.78 -1.67 -1.03
N LEU A 8 8.57 -1.85 -2.10
CA LEU A 8 9.06 -3.15 -2.54
C LEU A 8 10.59 -3.16 -2.52
N ALA A 9 11.16 -4.04 -1.70
CA ALA A 9 12.60 -4.30 -1.78
C ALA A 9 12.88 -5.12 -3.02
N VAL A 10 14.16 -5.45 -3.19
CA VAL A 10 14.57 -6.33 -4.26
C VAL A 10 13.76 -7.63 -4.23
N ASP A 11 13.41 -8.14 -5.41
CA ASP A 11 12.60 -9.34 -5.57
C ASP A 11 11.15 -9.15 -5.09
N ARG A 12 10.75 -7.89 -4.98
CA ARG A 12 9.39 -7.50 -4.58
C ARG A 12 9.03 -8.01 -3.18
N VAL A 13 10.05 -8.12 -2.33
CA VAL A 13 9.83 -8.52 -0.96
C VAL A 13 9.20 -7.36 -0.20
N ILE A 14 8.14 -7.66 0.55
CA ILE A 14 7.42 -6.68 1.34
C ILE A 14 7.44 -7.06 2.80
N PRO A 21 14.65 -1.84 7.73
CA PRO A 21 15.93 -2.04 7.03
C PRO A 21 16.47 -0.80 6.30
N TRP A 22 15.56 0.01 5.78
CA TRP A 22 15.94 1.29 5.21
C TRP A 22 15.35 2.39 6.07
N ASN A 23 15.91 3.59 5.93
CA ASN A 23 15.31 4.80 6.46
C ASN A 23 15.10 5.73 5.28
N LEU A 24 13.84 5.84 4.84
CA LEU A 24 13.48 6.61 3.64
C LEU A 24 12.40 7.60 3.96
N PRO A 25 12.77 8.72 4.58
CA PRO A 25 11.76 9.75 4.82
C PRO A 25 11.10 10.23 3.54
N ALA A 26 11.83 10.24 2.44
CA ALA A 26 11.23 10.65 1.18
C ALA A 26 10.11 9.68 0.72
N ASP A 27 10.26 8.38 0.99
CA ASP A 27 9.22 7.42 0.64
C ASP A 27 8.03 7.57 1.58
N LEU A 28 8.27 7.81 2.88
CA LEU A 28 7.14 8.06 3.77
C LEU A 28 6.37 9.33 3.39
N ALA A 29 7.03 10.36 2.89
CA ALA A 29 6.39 11.58 2.41
C ALA A 29 5.54 11.26 1.18
N TRP A 30 6.09 10.45 0.29
CA TRP A 30 5.33 10.00 -0.88
C TRP A 30 4.08 9.21 -0.48
N PHE A 31 4.24 8.31 0.48
CA PHE A 31 3.10 7.56 1.00
C PHE A 31 2.04 8.54 1.55
N LYS A 32 2.46 9.49 2.36
CA LYS A 32 1.49 10.41 2.96
C LYS A 32 0.81 11.26 1.89
N ARG A 33 1.58 11.77 0.95
CA ARG A 33 1.02 12.64 -0.07
C ARG A 33 -0.03 11.90 -0.90
N ASN A 34 0.20 10.62 -1.18
CA ASN A 34 -0.67 9.85 -2.02
C ASN A 34 -1.84 9.18 -1.30
N THR A 35 -1.87 9.27 0.04
CA THR A 35 -2.96 8.69 0.83
C THR A 35 -3.76 9.71 1.59
N LEU A 36 -3.21 10.87 1.86
CA LEU A 36 -3.93 11.86 2.67
C LEU A 36 -5.29 12.20 2.07
N ASN A 37 -6.30 12.27 2.93
CA ASN A 37 -7.66 12.61 2.50
C ASN A 37 -8.30 11.55 1.62
N LYS A 38 -7.86 10.30 1.82
CA LYS A 38 -8.45 9.14 1.17
C LYS A 38 -8.63 8.06 2.20
N PRO A 39 -9.62 7.17 2.02
CA PRO A 39 -9.67 6.04 2.93
C PRO A 39 -8.51 5.11 2.66
N VAL A 40 -8.01 4.52 3.74
CA VAL A 40 -6.97 3.52 3.68
C VAL A 40 -7.46 2.21 4.28
N ILE A 41 -7.36 1.13 3.51
CA ILE A 41 -7.73 -0.21 3.91
C ILE A 41 -6.49 -0.98 4.23
N MET A 42 -6.44 -1.63 5.39
CA MET A 42 -5.27 -2.44 5.79
C MET A 42 -5.72 -3.67 6.54
N GLY A 43 -4.92 -4.72 6.46
CA GLY A 43 -5.10 -5.91 7.30
C GLY A 43 -4.70 -5.69 8.76
N ARG A 44 -5.15 -6.58 9.63
CA ARG A 44 -4.90 -6.37 11.04
C ARG A 44 -3.42 -6.35 11.41
N HIS A 45 -2.59 -7.14 10.72
CA HIS A 45 -1.16 -7.14 11.09
C HIS A 45 -0.52 -5.83 10.74
N THR A 46 -0.89 -5.24 9.61
CA THR A 46 -0.36 -3.96 9.22
C THR A 46 -0.80 -2.89 10.20
N TRP A 47 -2.07 -2.90 10.57
CA TRP A 47 -2.60 -2.00 11.59
C TRP A 47 -1.77 -2.10 12.90
N GLU A 48 -1.54 -3.32 13.39
CA GLU A 48 -0.76 -3.49 14.62
C GLU A 48 0.66 -2.95 14.48
N SER A 49 1.25 -3.10 13.31
N SER A 49 1.23 -3.11 13.29
N SER A 49 1.25 -3.11 13.31
CA SER A 49 2.60 -2.65 13.07
CA SER A 49 2.60 -2.68 13.05
CA SER A 49 2.61 -2.65 13.06
C SER A 49 2.68 -1.14 13.08
C SER A 49 2.73 -1.16 12.98
C SER A 49 2.69 -1.13 13.06
N ILE A 50 1.68 -0.48 12.50
CA ILE A 50 1.69 0.98 12.45
C ILE A 50 1.51 1.54 13.86
N GLY A 51 0.63 0.95 14.63
CA GLY A 51 0.60 1.22 16.06
C GLY A 51 -0.26 2.39 16.48
N ARG A 52 -0.79 3.16 15.54
CA ARG A 52 -1.63 4.33 15.82
C ARG A 52 -2.36 4.71 14.51
N PRO A 53 -3.54 5.31 14.57
CA PRO A 53 -4.20 5.66 13.29
C PRO A 53 -3.38 6.63 12.47
N LEU A 54 -3.51 6.51 11.15
CA LEU A 54 -2.86 7.43 10.22
C LEU A 54 -3.77 8.64 10.17
N PRO A 55 -3.25 9.82 10.54
CA PRO A 55 -4.12 10.99 10.64
C PRO A 55 -4.60 11.50 9.29
N GLY A 56 -5.77 12.11 9.22
CA GLY A 56 -6.20 12.73 7.98
C GLY A 56 -6.71 11.77 6.92
N ARG A 57 -6.96 10.53 7.33
CA ARG A 57 -7.45 9.45 6.47
C ARG A 57 -8.44 8.63 7.25
N LYS A 58 -9.45 8.11 6.60
CA LYS A 58 -10.32 7.12 7.21
C LYS A 58 -9.58 5.79 7.25
N ASN A 59 -9.36 5.24 8.44
CA ASN A 59 -8.60 4.01 8.61
C ASN A 59 -9.59 2.87 8.73
N ILE A 60 -9.53 1.91 7.82
CA ILE A 60 -10.43 0.77 7.75
C ILE A 60 -9.57 -0.46 7.90
N ILE A 61 -9.87 -1.23 8.94
CA ILE A 61 -9.08 -2.43 9.31
C ILE A 61 -9.88 -3.70 9.03
N LEU A 62 -9.31 -4.61 8.26
CA LEU A 62 -9.85 -5.94 8.02
C LEU A 62 -9.45 -6.90 9.13
N SER A 63 -10.44 -7.58 9.70
CA SER A 63 -10.20 -8.63 10.68
C SER A 63 -11.44 -9.50 10.69
N SER A 64 -11.22 -10.79 10.85
CA SER A 64 -12.33 -11.73 11.01
C SER A 64 -13.01 -11.57 12.36
N GLN A 65 -12.33 -10.94 13.31
CA GLN A 65 -12.84 -10.86 14.67
C GLN A 65 -13.35 -9.45 14.98
N PRO A 66 -14.13 -9.31 16.04
CA PRO A 66 -14.58 -7.96 16.41
C PRO A 66 -13.40 -7.00 16.65
N GLY A 67 -13.65 -5.73 16.38
CA GLY A 67 -12.65 -4.71 16.58
C GLY A 67 -12.26 -4.51 18.01
N THR A 68 -11.07 -3.99 18.21
CA THR A 68 -10.49 -3.76 19.52
C THR A 68 -9.92 -2.37 19.68
N ASP A 69 -10.45 -1.39 18.95
CA ASP A 69 -9.94 -0.03 19.01
C ASP A 69 -10.95 0.90 18.36
N ASP A 70 -11.56 1.81 19.12
CA ASP A 70 -12.63 2.65 18.57
C ASP A 70 -12.11 3.80 17.72
N ARG A 71 -10.78 3.93 17.59
CA ARG A 71 -10.22 5.01 16.77
C ARG A 71 -10.25 4.76 15.26
N VAL A 72 -10.59 3.56 14.87
CA VAL A 72 -10.60 3.14 13.46
C VAL A 72 -11.88 2.39 13.18
N THR A 73 -12.15 2.10 11.93
CA THR A 73 -13.34 1.38 11.49
C THR A 73 -12.97 -0.05 11.18
N TRP A 74 -13.72 -1.02 11.69
CA TRP A 74 -13.43 -2.42 11.52
C TRP A 74 -14.44 -3.08 10.60
N VAL A 75 -13.95 -3.95 9.74
CA VAL A 75 -14.77 -4.69 8.79
C VAL A 75 -14.29 -6.14 8.67
N LYS A 76 -15.15 -7.03 8.18
CA LYS A 76 -14.90 -8.46 8.24
C LYS A 76 -14.80 -9.08 6.87
N SER A 77 -14.81 -8.30 5.80
CA SER A 77 -14.66 -8.88 4.47
C SER A 77 -14.20 -7.78 3.50
N VAL A 78 -13.66 -8.17 2.37
CA VAL A 78 -13.26 -7.26 1.33
C VAL A 78 -14.44 -6.38 0.85
N ASP A 79 -15.57 -7.01 0.60
CA ASP A 79 -16.72 -6.25 0.11
C ASP A 79 -17.21 -5.25 1.17
N GLU A 80 -17.17 -5.63 2.45
CA GLU A 80 -17.53 -4.67 3.50
C GLU A 80 -16.54 -3.51 3.57
N ALA A 81 -15.24 -3.79 3.40
CA ALA A 81 -14.21 -2.78 3.45
C ALA A 81 -14.42 -1.74 2.35
N ILE A 82 -14.70 -2.22 1.14
CA ILE A 82 -15.00 -1.31 0.06
C ILE A 82 -16.25 -0.48 0.34
N ALA A 83 -17.31 -1.14 0.81
CA ALA A 83 -18.54 -0.41 1.10
C ALA A 83 -18.33 0.66 2.15
N ALA A 84 -17.52 0.37 3.14
CA ALA A 84 -17.26 1.34 4.22
C ALA A 84 -16.50 2.58 3.80
N CYS A 85 -15.94 2.54 2.60
CA CYS A 85 -15.27 3.71 2.01
C CYS A 85 -16.24 4.71 1.40
N GLY A 86 -17.48 4.31 1.16
CA GLY A 86 -18.41 5.23 0.56
C GLY A 86 -18.07 5.59 -0.87
N ASP A 87 -18.63 6.73 -1.29
CA ASP A 87 -18.47 7.19 -2.64
C ASP A 87 -17.33 8.18 -2.58
N VAL A 88 -16.13 7.66 -2.82
CA VAL A 88 -14.93 8.50 -2.92
C VAL A 88 -14.26 8.19 -4.26
N PRO A 89 -13.45 9.14 -4.74
CA PRO A 89 -12.81 8.88 -6.03
C PRO A 89 -11.75 7.80 -5.98
N GLU A 90 -11.11 7.58 -4.83
CA GLU A 90 -9.95 6.69 -4.77
C GLU A 90 -9.80 6.10 -3.39
N ILE A 91 -9.75 4.78 -3.37
CA ILE A 91 -9.54 3.98 -2.15
C ILE A 91 -8.09 3.51 -2.18
N MET A 92 -7.37 3.72 -1.09
CA MET A 92 -5.99 3.24 -1.02
C MET A 92 -5.83 2.01 -0.16
N VAL A 93 -5.33 0.95 -0.74
CA VAL A 93 -5.07 -0.30 -0.01
C VAL A 93 -3.60 -0.34 0.34
N ILE A 94 -3.30 -0.36 1.64
CA ILE A 94 -1.95 -0.21 2.14
C ILE A 94 -1.35 -1.50 2.73
N GLY A 95 -1.93 -2.65 2.45
CA GLY A 95 -1.31 -3.93 2.78
C GLY A 95 -2.03 -4.64 3.90
N GLY A 96 -1.50 -5.77 4.32
CA GLY A 96 -0.24 -6.34 3.86
C GLY A 96 -0.42 -7.33 2.75
N GLY A 97 0.45 -8.35 2.69
CA GLY A 97 0.47 -9.28 1.57
C GLY A 97 -0.88 -9.90 1.23
N ARG A 98 -1.53 -10.41 2.28
N ARG A 98 -1.58 -10.45 2.19
CA ARG A 98 -2.82 -11.10 2.16
CA ARG A 98 -2.79 -11.11 1.75
C ARG A 98 -3.83 -10.14 1.52
C ARG A 98 -3.89 -10.11 1.43
N VAL A 99 -3.81 -8.91 2.00
CA VAL A 99 -4.74 -7.85 1.57
C VAL A 99 -4.44 -7.43 0.12
N TYR A 100 -3.15 -7.24 -0.21
CA TYR A 100 -2.77 -6.90 -1.59
C TYR A 100 -3.25 -7.99 -2.54
N GLU A 101 -3.15 -9.27 -2.16
CA GLU A 101 -3.52 -10.36 -3.05
C GLU A 101 -4.99 -10.29 -3.37
N GLN A 102 -5.80 -9.99 -2.36
CA GLN A 102 -7.22 -9.91 -2.57
C GLN A 102 -7.67 -8.70 -3.37
N PHE A 103 -7.02 -7.56 -3.19
CA PHE A 103 -7.43 -6.34 -3.87
C PHE A 103 -6.81 -6.10 -5.24
N LEU A 104 -5.64 -6.69 -5.51
CA LEU A 104 -5.02 -6.50 -6.84
C LEU A 104 -5.97 -6.73 -8.04
N PRO A 105 -6.76 -7.81 -8.07
CA PRO A 105 -7.65 -8.05 -9.20
C PRO A 105 -8.70 -6.96 -9.35
N LYS A 106 -9.00 -6.27 -8.24
CA LYS A 106 -9.99 -5.20 -8.20
C LYS A 106 -9.40 -3.83 -8.45
N ALA A 107 -8.07 -3.75 -8.51
CA ALA A 107 -7.38 -2.47 -8.57
C ALA A 107 -7.19 -1.91 -9.98
N GLN A 108 -7.21 -0.60 -10.07
CA GLN A 108 -6.90 0.13 -11.30
C GLN A 108 -5.56 0.86 -11.29
N LYS A 109 -4.95 1.04 -10.13
N LYS A 109 -4.95 1.05 -10.12
CA LYS A 109 -3.68 1.74 -10.02
CA LYS A 109 -3.67 1.74 -10.03
C LYS A 109 -2.80 1.06 -8.99
C LYS A 109 -2.80 1.09 -8.98
N LEU A 110 -1.49 1.11 -9.25
CA LEU A 110 -0.46 0.73 -8.29
C LEU A 110 0.51 1.88 -8.08
N TYR A 111 0.78 2.22 -6.83
CA TYR A 111 1.80 3.18 -6.48
C TYR A 111 2.88 2.37 -5.81
N LEU A 112 4.04 2.25 -6.44
CA LEU A 112 5.11 1.37 -5.99
C LEU A 112 6.37 2.16 -5.75
N THR A 113 7.09 1.82 -4.69
CA THR A 113 8.44 2.34 -4.48
C THR A 113 9.39 1.14 -4.55
N HIS A 114 10.25 1.16 -5.56
CA HIS A 114 11.23 0.12 -5.76
C HIS A 114 12.52 0.51 -5.07
N ILE A 115 12.82 -0.16 -3.98
CA ILE A 115 13.96 0.22 -3.15
C ILE A 115 15.14 -0.71 -3.44
N ASP A 116 16.30 -0.08 -3.59
CA ASP A 116 17.55 -0.80 -3.87
C ASP A 116 18.16 -1.37 -2.61
N ALA A 117 17.49 -2.35 -2.05
CA ALA A 117 17.89 -3.01 -0.82
C ALA A 117 17.39 -4.44 -0.85
N GLU A 118 18.18 -5.39 -0.35
CA GLU A 118 17.72 -6.76 -0.15
C GLU A 118 17.43 -6.94 1.31
N VAL A 119 16.30 -7.61 1.59
CA VAL A 119 15.84 -7.75 2.96
C VAL A 119 15.59 -9.22 3.29
N GLU A 120 15.47 -9.46 4.59
CA GLU A 120 15.20 -10.77 5.16
C GLU A 120 13.69 -11.02 5.12
N GLY A 121 13.22 -11.72 4.09
CA GLY A 121 11.80 -12.03 3.98
C GLY A 121 11.51 -12.93 2.80
N ASP A 122 10.46 -13.73 2.92
CA ASP A 122 10.07 -14.62 1.84
C ASP A 122 8.70 -14.25 1.27
N THR A 123 8.10 -13.21 1.83
CA THR A 123 6.79 -12.77 1.37
C THR A 123 6.92 -11.71 0.29
N HIS A 124 6.24 -11.93 -0.84
CA HIS A 124 6.39 -11.05 -2.00
C HIS A 124 5.09 -10.34 -2.38
N PHE A 125 5.22 -9.15 -2.91
CA PHE A 125 4.06 -8.44 -3.47
C PHE A 125 3.43 -9.39 -4.49
N PRO A 126 2.10 -9.37 -4.62
CA PRO A 126 1.51 -10.34 -5.52
C PRO A 126 2.02 -10.30 -6.94
N ASP A 127 2.11 -11.48 -7.54
CA ASP A 127 2.43 -11.61 -8.93
C ASP A 127 1.26 -11.06 -9.67
N TYR A 128 1.57 -10.33 -10.72
CA TYR A 128 0.54 -9.84 -11.60
C TYR A 128 1.11 -9.79 -12.99
N GLU A 129 0.25 -9.90 -13.98
CA GLU A 129 0.67 -9.92 -15.35
C GLU A 129 1.27 -8.57 -15.76
N PRO A 130 2.56 -8.58 -16.14
CA PRO A 130 3.14 -7.31 -16.59
C PRO A 130 2.41 -6.65 -17.75
N ASP A 131 1.82 -7.44 -18.64
CA ASP A 131 1.16 -6.88 -19.81
C ASP A 131 -0.22 -6.24 -19.52
N ASP A 132 -0.72 -6.43 -18.29
CA ASP A 132 -2.00 -5.82 -17.84
C ASP A 132 -1.85 -4.38 -17.39
N TRP A 133 -0.61 -3.94 -17.20
CA TRP A 133 -0.33 -2.63 -16.61
C TRP A 133 0.52 -1.74 -17.49
N GLU A 134 0.25 -0.45 -17.43
CA GLU A 134 1.07 0.54 -18.13
C GLU A 134 1.70 1.47 -17.09
N SER A 135 3.00 1.65 -17.16
CA SER A 135 3.66 2.61 -16.32
C SER A 135 3.33 4.02 -16.78
N VAL A 136 2.87 4.89 -15.90
CA VAL A 136 2.50 6.24 -16.28
C VAL A 136 3.37 7.30 -15.60
N PHE A 137 4.19 6.89 -14.65
CA PHE A 137 5.06 7.82 -13.92
C PHE A 137 6.18 7.02 -13.31
N SER A 138 7.41 7.54 -13.38
CA SER A 138 8.49 6.99 -12.59
C SER A 138 9.51 8.04 -12.30
N GLU A 139 10.13 7.91 -11.13
CA GLU A 139 11.11 8.89 -10.70
C GLU A 139 12.13 8.26 -9.79
N PHE A 140 13.37 8.24 -10.24
CA PHE A 140 14.45 7.62 -9.51
C PHE A 140 15.18 8.65 -8.67
N HIS A 141 15.51 8.27 -7.45
CA HIS A 141 16.32 9.06 -6.51
C HIS A 141 17.48 8.23 -5.94
N ASP A 142 18.68 8.78 -5.90
N ASP A 142 18.66 8.82 -5.91
CA ASP A 142 19.78 8.07 -5.25
CA ASP A 142 19.81 8.17 -5.27
C ASP A 142 19.68 8.32 -3.76
C ASP A 142 19.69 8.34 -3.76
N ALA A 143 20.43 7.52 -3.02
CA ALA A 143 20.53 7.70 -1.59
C ALA A 143 21.14 9.07 -1.33
N ASP A 144 20.86 9.63 -0.17
CA ASP A 144 21.45 10.90 0.23
C ASP A 144 21.54 10.98 1.76
N ALA A 145 21.82 12.16 2.30
CA ALA A 145 22.05 12.25 3.74
C ALA A 145 20.87 11.81 4.58
N GLN A 146 19.64 11.94 4.05
CA GLN A 146 18.42 11.58 4.79
C GLN A 146 17.86 10.20 4.45
N ASN A 147 18.24 9.68 3.30
CA ASN A 147 17.63 8.45 2.74
C ASN A 147 18.70 7.41 2.52
N SER A 148 18.57 6.28 3.20
CA SER A 148 19.67 5.31 3.31
C SER A 148 20.01 4.56 2.02
N HIS A 149 19.02 4.47 1.13
CA HIS A 149 19.11 3.68 -0.13
C HIS A 149 18.49 4.45 -1.28
N SER A 150 18.86 4.08 -2.49
CA SER A 150 18.23 4.63 -3.68
C SER A 150 16.86 3.98 -3.83
N TYR A 151 15.95 4.69 -4.49
CA TYR A 151 14.57 4.26 -4.61
C TYR A 151 13.97 4.89 -5.84
N CYS A 152 12.96 4.22 -6.39
CA CYS A 152 12.25 4.73 -7.55
C CYS A 152 10.77 4.66 -7.34
N PHE A 153 10.10 5.80 -7.43
CA PHE A 153 8.66 5.86 -7.36
C PHE A 153 8.09 5.48 -8.73
N GLU A 154 6.99 4.75 -8.75
CA GLU A 154 6.30 4.39 -9.99
C GLU A 154 4.80 4.40 -9.74
N ILE A 155 4.04 4.86 -10.73
CA ILE A 155 2.60 4.66 -10.78
C ILE A 155 2.28 3.88 -12.04
N LEU A 156 1.48 2.83 -11.89
CA LEU A 156 0.99 2.03 -13.00
C LEU A 156 -0.51 2.09 -13.04
N GLU A 157 -1.08 2.17 -14.23
CA GLU A 157 -2.52 2.10 -14.44
C GLU A 157 -2.87 0.81 -15.16
N ARG A 158 -4.00 0.21 -14.80
CA ARG A 158 -4.42 -1.05 -15.40
C ARG A 158 -4.95 -0.80 -16.82
N ARG A 159 -4.47 -1.60 -17.77
CA ARG A 159 -4.97 -1.54 -19.15
C ARG A 159 -5.78 -2.76 -19.53
N HIS A 160 -5.54 -3.90 -18.90
CA HIS A 160 -6.27 -5.10 -19.26
C HIS A 160 -6.62 -5.90 -18.04
N HIS A 161 -7.66 -6.71 -18.18
CA HIS A 161 -7.91 -7.79 -17.24
C HIS A 161 -7.59 -9.17 -17.84
PA NAP B . -1.98 -8.23 6.76
O1A NAP B . -2.47 -8.34 5.41
O2A NAP B . -1.48 -6.91 7.29
O5B NAP B . -3.09 -8.69 7.83
C5B NAP B . -3.72 -9.97 7.63
C4B NAP B . -4.93 -10.00 8.59
O4B NAP B . -5.95 -9.17 7.99
C3B NAP B . -5.60 -11.36 8.66
O3B NAP B . -4.93 -12.22 9.61
C2B NAP B . -7.03 -11.03 9.13
O2B NAP B . -7.12 -10.53 10.45
C1B NAP B . -7.23 -9.79 8.21
N9A NAP B . -7.81 -10.05 6.91
C8A NAP B . -7.23 -10.09 5.68
N7A NAP B . -8.12 -10.39 4.77
C5A NAP B . -9.34 -10.59 5.37
C6A NAP B . -10.67 -10.90 4.96
N6A NAP B . -10.98 -11.11 3.64
N1A NAP B . -11.60 -10.99 5.91
C2A NAP B . -11.30 -10.81 7.19
N3A NAP B . -10.10 -10.49 7.64
C4A NAP B . -9.12 -10.38 6.75
O3 NAP B . -0.81 -9.35 7.05
PN NAP B . 0.30 -9.89 6.02
O1N NAP B . -0.30 -10.81 4.97
O2N NAP B . 1.19 -8.79 5.51
O5D NAP B . 1.10 -10.87 7.05
C5D NAP B . 1.87 -10.11 7.95
C4D NAP B . 2.15 -11.01 9.14
O4D NAP B . 2.61 -12.33 8.72
C3D NAP B . 3.25 -10.41 10.01
O3D NAP B . 2.86 -10.71 11.34
C2D NAP B . 4.51 -11.18 9.59
O2D NAP B . 5.44 -11.22 10.68
C1D NAP B . 3.91 -12.57 9.33
N1N NAP B . 4.71 -13.42 8.46
C2N NAP B . 4.25 -13.72 7.26
C3N NAP B . 4.98 -14.53 6.41
C7N NAP B . 4.44 -14.85 5.07
O7N NAP B . 5.12 -15.50 4.29
N7N NAP B . 3.20 -14.42 4.70
C4N NAP B . 6.20 -15.04 6.84
C5N NAP B . 6.65 -14.72 8.12
C6N NAP B . 5.87 -13.89 8.91
P2B NAP B . -7.57 -11.59 11.61
O1X NAP B . -8.71 -12.34 11.12
O2X NAP B . -6.27 -12.49 11.90
O3X NAP B . -7.85 -10.64 12.78
H51A NAP B . -4.07 -10.06 6.60
H52A NAP B . -3.04 -10.78 7.86
H4B NAP B . -4.65 -9.63 9.58
H3B NAP B . -5.62 -11.83 7.68
HO3A NAP B . -3.98 -12.07 9.50
H2B NAP B . -7.75 -11.83 8.91
H1B NAP B . -7.87 -9.08 8.73
H8A NAP B . -6.19 -9.88 5.48
H61A NAP B . -10.35 -10.88 2.94
H62A NAP B . -11.84 -11.50 3.40
H2A NAP B . -12.10 -10.88 7.91
H51N NAP B . 1.30 -9.23 8.28
H52N NAP B . 2.81 -9.80 7.48
H4D NAP B . 1.24 -11.14 9.73
H3D NAP B . 3.34 -9.34 9.85
HO3N NAP B . 2.47 -9.91 11.71
H2D NAP B . 4.96 -10.76 8.69
HO2N NAP B . 6.25 -11.61 10.34
H1D NAP B . 3.75 -13.08 10.29
H2N NAP B . 3.30 -13.32 6.94
H71N NAP B . 2.86 -14.64 3.82
H72N NAP B . 2.67 -13.91 5.33
H4N NAP B . 6.80 -15.68 6.20
H5N NAP B . 7.59 -15.09 8.48
H6N NAP B . 6.20 -13.63 9.89
N1 DHF C . 4.05 2.35 0.88
C2 DHF C . 5.22 3.03 0.85
NA2 DHF C . 5.52 3.65 -0.32
N3 DHF C . 6.06 3.06 1.85
C4 DHF C . 5.79 2.46 3.04
O4 DHF C . 6.61 2.50 3.96
C4A DHF C . 4.55 1.82 3.15
N5 DHF C . 4.18 1.19 4.31
C6 DHF C . 3.01 0.61 4.41
C7 DHF C . 2.08 0.52 3.29
N8 DHF C . 2.51 1.15 2.08
C8A DHF C . 3.71 1.80 2.04
C9 DHF C . 2.57 -0.06 5.67
N10 DHF C . 3.24 0.54 6.83
C11 DHF C . 3.42 4.58 8.06
C12 DHF C . 4.09 3.56 8.71
C13 DHF C . 4.01 2.27 8.28
C14 DHF C . 3.26 1.89 7.19
C15 DHF C . 2.55 2.91 6.55
C16 DHF C . 2.62 4.22 6.97
C DHF C . 3.50 5.99 8.54
O DHF C . 3.94 6.25 9.65
N DHF C . 3.12 6.99 7.72
CA DHF C . 3.15 8.40 8.09
CB DHF C . 4.32 9.10 7.40
CG DHF C . 4.73 10.38 8.14
CD DHF C . 5.72 10.04 9.22
OE1 DHF C . 5.50 9.15 10.01
OE2 DHF C . 6.87 10.73 9.29
CT DHF C . 1.89 8.97 7.49
O1 DHF C . 1.50 8.51 6.42
O2 DHF C . 1.24 9.98 8.11
HN1 DHF C . 3.43 2.38 0.13
HN21 DHF C . 5.35 4.59 -0.42
HN22 DHF C . 5.93 3.15 -1.05
H71 DHF C . 1.11 0.92 3.59
H72 DHF C . 1.95 -0.55 3.07
HN8 DHF C . 1.93 1.18 1.32
H91 DHF C . 2.81 -1.12 5.60
H92 DHF C . 1.49 0.06 5.78
HN0 DHF C . 3.73 -0.07 7.41
H12 DHF C . 4.72 3.80 9.56
H13 DHF C . 4.57 1.52 8.81
H15 DHF C . 1.94 2.66 5.69
H16 DHF C . 2.07 4.98 6.43
HN DHF C . 2.78 6.75 6.84
HA DHF C . 3.17 8.53 9.17
HB1 DHF C . 4.02 9.37 6.40
HB2 DHF C . 5.18 8.43 7.37
HG1 DHF C . 5.20 11.05 7.43
HG2 DHF C . 3.85 10.87 8.57
#